data_6E0A
#
_entry.id   6E0A
#
_cell.length_a   72.779
_cell.length_b   59.468
_cell.length_c   77.723
_cell.angle_alpha   90.00
_cell.angle_beta   114.09
_cell.angle_gamma   90.00
#
_symmetry.space_group_name_H-M   'P 1 21 1'
#
loop_
_entity.id
_entity.type
_entity.pdbx_description
1 polymer 'Methyl-accepting chemotaxis protein TlpA'
2 non-polymer 'ZINC ION'
3 non-polymer 'CHLORIDE ION'
4 non-polymer 2,3-DIHYDROXY-1,4-DITHIOBUTANE
5 non-polymer 'CALCIUM ION'
6 water water
#
_entity_poly.entity_id   1
_entity_poly.type   'polypeptide(L)'
_entity_poly.pdbx_seq_one_letter_code
;MGHHHHHHDYDIPTTENLYFQGSVSLNSRVKEILKENTLRSMQDSLHFKVKEVQGVLENTYTSMGIVKEMLPKDTKREIK
IHLLKNFILANSHVAGVSMFFKNREDLRLTLLRDNDTIKLMENPSLGNNPLAQKAMKNKEISKSLPYYRKMPNGAEVYGV
DILLPLLNENAQEVVGALMVFISIDSFSNEITKNRSDLFLIGVKGKVLLSANKSLQDKPIAEIYKSVPKATNEVLTILEN
GSKATLEYLDPFSHKENFLAVETFKMLGKAESKDNLNWMIALIIEKDKVYEQVGS
;
_entity_poly.pdbx_strand_id   A,B
#
loop_
_chem_comp.id
_chem_comp.type
_chem_comp.name
_chem_comp.formula
CA non-polymer 'CALCIUM ION' 'Ca 2'
CL non-polymer 'CHLORIDE ION' 'Cl -1'
DTT non-polymer 2,3-DIHYDROXY-1,4-DITHIOBUTANE 'C4 H10 O2 S2'
ZN non-polymer 'ZINC ION' 'Zn 2'
#
# COMPACT_ATOMS: atom_id res chain seq x y z
N ASN A 27 -34.88 -19.91 -20.04
CA ASN A 27 -34.01 -19.01 -20.76
C ASN A 27 -34.23 -17.56 -20.34
N SER A 28 -35.29 -17.32 -19.58
CA SER A 28 -35.62 -15.97 -19.12
C SER A 28 -34.95 -15.67 -17.78
N ARG A 29 -35.33 -16.38 -16.72
CA ARG A 29 -34.71 -16.16 -15.42
C ARG A 29 -33.23 -16.52 -15.44
N VAL A 30 -32.85 -17.54 -16.22
CA VAL A 30 -31.45 -17.92 -16.33
C VAL A 30 -30.62 -16.75 -16.84
N LYS A 31 -31.01 -16.19 -17.99
CA LYS A 31 -30.27 -15.07 -18.55
C LYS A 31 -30.16 -13.92 -17.57
N GLU A 32 -31.26 -13.61 -16.87
CA GLU A 32 -31.22 -12.53 -15.88
C GLU A 32 -30.24 -12.86 -14.76
N ILE A 33 -30.24 -14.10 -14.29
CA ILE A 33 -29.30 -14.51 -13.25
C ILE A 33 -27.86 -14.37 -13.75
N LEU A 34 -27.61 -14.79 -14.99
CA LEU A 34 -26.24 -14.74 -15.50
C LEU A 34 -25.82 -13.31 -15.81
N LYS A 35 -26.72 -12.51 -16.38
CA LYS A 35 -26.38 -11.13 -16.70
C LYS A 35 -25.95 -10.36 -15.47
N GLU A 36 -26.81 -10.32 -14.46
CA GLU A 36 -26.56 -9.46 -13.31
C GLU A 36 -25.52 -10.02 -12.37
N ASN A 37 -25.30 -11.34 -12.38
CA ASN A 37 -24.21 -11.90 -11.58
C ASN A 37 -22.86 -11.61 -12.22
N THR A 38 -22.78 -11.69 -13.55
CA THR A 38 -21.54 -11.35 -14.24
C THR A 38 -21.24 -9.86 -14.15
N LEU A 39 -22.27 -9.02 -14.24
CA LEU A 39 -22.07 -7.59 -14.11
C LEU A 39 -21.69 -7.21 -12.68
N ARG A 40 -22.22 -7.93 -11.69
CA ARG A 40 -21.80 -7.68 -10.31
C ARG A 40 -20.35 -8.06 -10.10
N SER A 41 -19.93 -9.21 -10.64
CA SER A 41 -18.53 -9.60 -10.56
C SER A 41 -17.64 -8.57 -11.26
N MET A 42 -18.08 -8.09 -12.42
CA MET A 42 -17.33 -7.05 -13.13
C MET A 42 -17.23 -5.78 -12.29
N GLN A 43 -18.35 -5.37 -11.68
CA GLN A 43 -18.36 -4.14 -10.88
C GLN A 43 -17.46 -4.27 -9.66
N ASP A 44 -17.59 -5.38 -8.92
CA ASP A 44 -16.80 -5.57 -7.71
C ASP A 44 -15.31 -5.62 -8.04
N SER A 45 -14.95 -6.26 -9.15
CA SER A 45 -13.55 -6.33 -9.55
C SER A 45 -12.98 -4.94 -9.81
N LEU A 46 -13.71 -4.12 -10.57
CA LEU A 46 -13.28 -2.74 -10.79
C LEU A 46 -13.18 -1.98 -9.48
N HIS A 47 -14.11 -2.20 -8.57
CA HIS A 47 -14.09 -1.50 -7.28
C HIS A 47 -12.81 -1.81 -6.52
N PHE A 48 -12.39 -3.08 -6.50
CA PHE A 48 -11.21 -3.45 -5.74
C PHE A 48 -9.92 -3.02 -6.43
N LYS A 49 -9.94 -2.87 -7.76
CA LYS A 49 -8.78 -2.30 -8.45
C LYS A 49 -8.65 -0.81 -8.14
N VAL A 50 -9.78 -0.10 -8.15
CA VAL A 50 -9.77 1.31 -7.77
C VAL A 50 -9.26 1.46 -6.35
N LYS A 51 -9.70 0.59 -5.45
CA LYS A 51 -9.25 0.66 -4.07
C LYS A 51 -7.77 0.31 -3.93
N GLU A 52 -7.26 -0.57 -4.80
CA GLU A 52 -5.83 -0.85 -4.80
C GLU A 52 -5.05 0.39 -5.21
N VAL A 53 -5.47 1.04 -6.30
CA VAL A 53 -4.70 2.16 -6.84
C VAL A 53 -4.67 3.32 -5.86
N GLN A 54 -5.83 3.75 -5.38
CA GLN A 54 -5.86 4.88 -4.45
C GLN A 54 -5.21 4.53 -3.12
N GLY A 55 -5.15 3.25 -2.76
CA GLY A 55 -4.39 2.85 -1.59
C GLY A 55 -2.90 3.02 -1.80
N VAL A 56 -2.41 2.64 -2.98
CA VAL A 56 -1.01 2.88 -3.32
C VAL A 56 -0.71 4.37 -3.27
N LEU A 57 -1.62 5.20 -3.78
CA LEU A 57 -1.41 6.64 -3.78
C LEU A 57 -1.41 7.20 -2.37
N GLU A 58 -2.36 6.78 -1.53
CA GLU A 58 -2.48 7.34 -0.19
C GLU A 58 -1.29 6.95 0.68
N ASN A 59 -0.80 5.72 0.54
CA ASN A 59 0.40 5.34 1.27
C ASN A 59 1.61 6.14 0.81
N THR A 60 1.66 6.48 -0.48
CA THR A 60 2.69 7.39 -0.96
C THR A 60 2.52 8.78 -0.38
N TYR A 61 1.26 9.22 -0.22
CA TYR A 61 1.01 10.54 0.37
C TYR A 61 1.36 10.55 1.85
N THR A 62 1.05 9.47 2.57
CA THR A 62 1.47 9.36 3.96
C THR A 62 2.99 9.46 4.06
N SER A 63 3.71 8.72 3.21
CA SER A 63 5.16 8.78 3.22
C SER A 63 5.65 10.19 2.89
N MET A 64 4.97 10.87 1.96
CA MET A 64 5.36 12.23 1.61
C MET A 64 5.17 13.19 2.78
N GLY A 65 4.06 13.05 3.51
CA GLY A 65 3.84 13.88 4.68
C GLY A 65 4.93 13.72 5.71
N ILE A 66 5.49 12.52 5.83
CA ILE A 66 6.61 12.31 6.75
C ILE A 66 7.83 13.08 6.28
N VAL A 67 8.20 12.92 5.01
CA VAL A 67 9.31 13.69 4.45
C VAL A 67 9.06 15.18 4.64
N LYS A 68 7.82 15.61 4.40
CA LYS A 68 7.48 17.03 4.55
C LYS A 68 7.85 17.55 5.93
N GLU A 69 7.53 16.78 6.98
CA GLU A 69 7.73 17.26 8.34
C GLU A 69 9.18 17.14 8.80
N MET A 70 9.93 16.17 8.30
CA MET A 70 11.30 15.97 8.74
C MET A 70 12.27 16.94 8.06
N LEU A 71 12.01 17.31 6.80
CA LEU A 71 12.94 18.16 6.06
C LEU A 71 13.28 19.47 6.76
N PRO A 72 12.31 20.22 7.30
CA PRO A 72 12.66 21.49 7.96
C PRO A 72 13.39 21.32 9.28
N LYS A 73 13.36 20.13 9.87
CA LYS A 73 14.02 19.92 11.15
C LYS A 73 15.52 20.14 11.01
N ASP A 74 16.16 20.42 12.14
CA ASP A 74 17.58 20.77 12.17
C ASP A 74 18.41 19.54 11.88
N THR A 75 18.84 19.39 10.63
CA THR A 75 19.66 18.26 10.23
C THR A 75 20.61 18.70 9.13
N LYS A 76 21.68 17.92 8.94
CA LYS A 76 22.69 18.23 7.95
C LYS A 76 22.18 17.93 6.55
N ARG A 77 22.76 18.62 5.57
CA ARG A 77 22.43 18.40 4.17
C ARG A 77 22.44 16.92 3.82
N GLU A 78 23.47 16.20 4.27
CA GLU A 78 23.60 14.78 3.94
C GLU A 78 22.42 13.97 4.47
N ILE A 79 21.88 14.36 5.63
CA ILE A 79 20.73 13.65 6.18
C ILE A 79 19.50 13.88 5.32
N LYS A 80 19.21 15.14 4.99
CA LYS A 80 18.07 15.44 4.16
C LYS A 80 18.13 14.70 2.83
N ILE A 81 19.32 14.64 2.22
CA ILE A 81 19.47 13.98 0.93
C ILE A 81 19.17 12.49 1.06
N HIS A 82 19.71 11.85 2.08
CA HIS A 82 19.51 10.41 2.21
C HIS A 82 18.06 10.08 2.54
N LEU A 83 17.36 10.97 3.24
CA LEU A 83 15.94 10.74 3.50
C LEU A 83 15.12 10.84 2.23
N LEU A 84 15.44 11.83 1.38
CA LEU A 84 14.79 11.91 0.07
C LEU A 84 15.16 10.72 -0.80
N LYS A 85 16.41 10.26 -0.71
CA LYS A 85 16.82 9.07 -1.45
C LYS A 85 16.08 7.83 -0.94
N ASN A 86 15.93 7.70 0.38
CA ASN A 86 15.16 6.59 0.94
C ASN A 86 13.69 6.70 0.55
N PHE A 87 13.16 7.94 0.48
CA PHE A 87 11.76 8.13 0.11
C PHE A 87 11.48 7.59 -1.28
N ILE A 88 12.31 7.96 -2.26
CA ILE A 88 12.11 7.47 -3.63
C ILE A 88 12.11 5.95 -3.65
N LEU A 89 13.09 5.34 -3.00
CA LEU A 89 13.25 3.89 -3.08
C LEU A 89 12.09 3.15 -2.42
N ALA A 90 11.49 3.73 -1.39
CA ALA A 90 10.38 3.07 -0.71
C ALA A 90 9.07 3.18 -1.48
N ASN A 91 8.89 4.24 -2.27
CA ASN A 91 7.66 4.48 -3.03
C ASN A 91 7.96 4.26 -4.50
N SER A 92 7.62 3.07 -5.01
CA SER A 92 8.02 2.67 -6.35
C SER A 92 7.32 3.46 -7.45
N HIS A 93 6.27 4.19 -7.13
CA HIS A 93 5.56 4.99 -8.14
C HIS A 93 6.07 6.42 -8.23
N VAL A 94 7.00 6.81 -7.35
CA VAL A 94 7.65 8.11 -7.44
C VAL A 94 8.92 7.95 -8.29
N ALA A 95 9.00 8.69 -9.39
CA ALA A 95 10.17 8.68 -10.23
C ALA A 95 11.11 9.84 -9.96
N GLY A 96 10.69 10.83 -9.18
CA GLY A 96 11.50 12.00 -8.92
C GLY A 96 10.99 12.79 -7.74
N VAL A 97 11.91 13.45 -7.06
CA VAL A 97 11.58 14.31 -5.93
C VAL A 97 12.57 15.45 -5.89
N SER A 98 12.09 16.62 -5.48
CA SER A 98 12.94 17.81 -5.40
C SER A 98 12.53 18.62 -4.18
N MET A 99 13.51 19.30 -3.58
CA MET A 99 13.26 20.20 -2.47
C MET A 99 13.91 21.54 -2.74
N PHE A 100 13.31 22.59 -2.17
CA PHE A 100 13.78 23.96 -2.36
C PHE A 100 13.55 24.71 -1.07
N PHE A 101 14.62 25.28 -0.52
CA PHE A 101 14.56 26.07 0.70
C PHE A 101 14.80 27.53 0.36
N LYS A 102 13.95 28.42 0.89
CA LYS A 102 14.10 29.84 0.61
C LYS A 102 15.47 30.34 1.06
N ASN A 103 15.98 29.83 2.18
CA ASN A 103 17.17 30.38 2.82
C ASN A 103 18.31 29.38 2.93
N ARG A 104 18.27 28.30 2.14
CA ARG A 104 19.34 27.30 2.13
C ARG A 104 19.58 26.93 0.66
N GLU A 105 20.48 27.65 0.00
CA GLU A 105 20.73 27.39 -1.41
C GLU A 105 21.35 26.02 -1.63
N ASP A 106 22.06 25.50 -0.62
CA ASP A 106 22.58 24.14 -0.70
C ASP A 106 21.50 23.09 -0.56
N LEU A 107 20.25 23.49 -0.35
CA LEU A 107 19.14 22.55 -0.28
C LEU A 107 18.15 22.83 -1.41
N ARG A 108 18.67 22.97 -2.63
CA ARG A 108 17.88 23.15 -3.83
C ARG A 108 18.28 22.04 -4.78
N LEU A 109 17.63 20.88 -4.65
CA LEU A 109 18.10 19.66 -5.27
C LEU A 109 16.94 18.91 -5.91
N THR A 110 17.29 18.06 -6.87
CA THR A 110 16.35 17.16 -7.53
C THR A 110 16.96 15.77 -7.56
N LEU A 111 16.19 14.78 -7.12
CA LEU A 111 16.61 13.38 -7.18
C LEU A 111 15.69 12.64 -8.16
N LEU A 112 16.29 12.02 -9.17
CA LEU A 112 15.55 11.36 -10.24
C LEU A 112 16.06 9.94 -10.41
N ARG A 113 15.15 9.05 -10.76
CA ARG A 113 15.53 7.69 -11.12
C ARG A 113 16.36 7.69 -12.39
N ASP A 114 17.44 6.93 -12.38
CA ASP A 114 18.42 6.92 -13.47
C ASP A 114 18.98 5.51 -13.60
N ASN A 115 18.09 4.52 -13.68
CA ASN A 115 18.44 3.12 -13.45
C ASN A 115 18.72 2.92 -11.97
N ASP A 116 19.48 3.85 -11.37
CA ASP A 116 19.49 4.05 -9.92
C ASP A 116 19.01 5.48 -9.64
N THR A 117 19.56 6.15 -8.63
CA THR A 117 19.16 7.51 -8.30
C THR A 117 20.32 8.47 -8.56
N ILE A 118 20.03 9.60 -9.21
CA ILE A 118 21.01 10.62 -9.55
C ILE A 118 20.62 11.92 -8.86
N LYS A 119 21.60 12.57 -8.22
CA LYS A 119 21.39 13.85 -7.58
C LYS A 119 21.77 14.97 -8.54
N LEU A 120 20.85 15.90 -8.76
CA LEU A 120 21.09 17.09 -9.57
C LEU A 120 20.78 18.33 -8.75
N MET A 121 21.33 19.47 -9.18
CA MET A 121 21.09 20.74 -8.54
C MET A 121 20.17 21.60 -9.40
N GLU A 122 19.43 22.48 -8.74
CA GLU A 122 18.57 23.44 -9.43
C GLU A 122 19.22 24.82 -9.47
N GLY A 127 11.90 26.06 -7.93
CA GLY A 127 12.21 27.38 -7.40
C GLY A 127 11.46 28.47 -8.13
N ASN A 128 11.61 28.49 -9.45
CA ASN A 128 10.86 29.40 -10.30
C ASN A 128 9.53 28.82 -10.76
N ASN A 129 9.20 27.61 -10.32
CA ASN A 129 7.95 26.96 -10.71
C ASN A 129 6.75 27.72 -10.15
N PRO A 130 5.84 28.22 -10.97
CA PRO A 130 4.70 28.97 -10.43
C PRO A 130 3.82 28.16 -9.50
N LEU A 131 3.82 26.83 -9.63
CA LEU A 131 3.03 26.00 -8.73
C LEU A 131 3.71 25.82 -7.38
N ALA A 132 5.04 25.85 -7.35
CA ALA A 132 5.74 25.87 -6.07
C ALA A 132 5.50 27.19 -5.34
N GLN A 133 5.53 28.30 -6.07
CA GLN A 133 5.16 29.59 -5.49
C GLN A 133 3.71 29.57 -5.02
N LYS A 134 2.81 29.03 -5.84
CA LYS A 134 1.42 28.87 -5.44
C LYS A 134 1.32 28.05 -4.16
N ALA A 135 2.00 26.90 -4.13
CA ALA A 135 1.91 26.02 -2.97
C ALA A 135 2.48 26.68 -1.73
N MET A 136 3.57 27.43 -1.87
CA MET A 136 4.21 28.06 -0.72
C MET A 136 3.40 29.24 -0.22
N LYS A 137 3.01 30.15 -1.11
CA LYS A 137 2.33 31.37 -0.69
C LYS A 137 0.96 31.06 -0.10
N ASN A 138 0.29 30.02 -0.58
CA ASN A 138 -1.06 29.69 -0.12
C ASN A 138 -1.07 28.58 0.93
N LYS A 139 0.06 27.95 1.22
CA LYS A 139 0.14 26.87 2.20
C LYS A 139 -0.80 25.72 1.83
N GLU A 140 -1.03 25.54 0.54
CA GLU A 140 -1.90 24.49 0.04
C GLU A 140 -1.11 23.53 -0.84
N ILE A 141 -1.57 22.28 -0.88
CA ILE A 141 -1.05 21.32 -1.85
C ILE A 141 -1.52 21.72 -3.25
N SER A 142 -0.65 21.56 -4.23
CA SER A 142 -0.99 21.81 -5.61
C SER A 142 -0.33 20.75 -6.48
N LYS A 143 -1.01 20.38 -7.56
CA LYS A 143 -0.48 19.42 -8.52
C LYS A 143 -0.42 20.04 -9.90
N SER A 144 0.49 19.52 -10.72
CA SER A 144 0.59 19.93 -12.10
C SER A 144 -0.36 19.12 -12.98
N LEU A 145 -0.44 19.50 -14.24
CA LEU A 145 -1.10 18.67 -15.22
C LEU A 145 -0.19 17.51 -15.60
N PRO A 146 -0.75 16.40 -16.08
CA PRO A 146 0.10 15.33 -16.60
C PRO A 146 0.97 15.84 -17.74
N TYR A 147 2.21 15.38 -17.77
CA TYR A 147 3.15 15.82 -18.79
C TYR A 147 4.22 14.75 -18.95
N TYR A 148 5.07 14.93 -19.94
CA TYR A 148 6.16 14.00 -20.22
C TYR A 148 7.48 14.61 -19.74
N ARG A 149 8.12 13.94 -18.79
CA ARG A 149 9.40 14.38 -18.26
C ARG A 149 10.50 13.53 -18.88
N LYS A 150 11.53 14.19 -19.41
CA LYS A 150 12.69 13.48 -19.94
C LYS A 150 13.61 13.13 -18.77
N MET A 151 13.85 11.84 -18.58
CA MET A 151 14.60 11.34 -17.44
C MET A 151 16.09 11.34 -17.74
N PRO A 152 16.91 11.13 -16.72
CA PRO A 152 18.37 11.13 -16.95
C PRO A 152 18.84 10.20 -18.05
N ASN A 153 18.29 8.99 -18.14
CA ASN A 153 18.74 8.01 -19.12
C ASN A 153 18.17 8.26 -20.52
N GLY A 154 17.49 9.38 -20.73
CA GLY A 154 16.90 9.69 -22.01
C GLY A 154 15.45 9.28 -22.16
N ALA A 155 14.96 8.39 -21.31
CA ALA A 155 13.59 7.92 -21.41
C ALA A 155 12.61 9.03 -21.04
N GLU A 156 11.41 8.96 -21.60
CA GLU A 156 10.34 9.91 -21.31
C GLU A 156 9.27 9.21 -20.48
N VAL A 157 8.90 9.83 -19.36
CA VAL A 157 7.97 9.24 -18.40
C VAL A 157 6.78 10.18 -18.26
N TYR A 158 5.59 9.64 -18.50
CA TYR A 158 4.34 10.38 -18.31
C TYR A 158 3.98 10.38 -16.83
N GLY A 159 3.75 11.56 -16.27
CA GLY A 159 3.49 11.65 -14.85
C GLY A 159 2.98 12.99 -14.44
N VAL A 160 2.93 13.20 -13.12
CA VAL A 160 2.33 14.37 -12.51
C VAL A 160 3.22 14.86 -11.37
N ASP A 161 3.27 16.18 -11.19
CA ASP A 161 3.99 16.80 -10.08
C ASP A 161 3.02 17.16 -8.96
N ILE A 162 3.41 16.83 -7.74
CA ILE A 162 2.65 17.19 -6.54
C ILE A 162 3.59 18.00 -5.65
N LEU A 163 3.20 19.24 -5.37
CA LEU A 163 4.06 20.19 -4.67
C LEU A 163 3.46 20.52 -3.30
N LEU A 164 4.30 20.48 -2.27
CA LEU A 164 3.88 20.72 -0.90
C LEU A 164 4.73 21.82 -0.27
N PRO A 165 4.12 22.70 0.52
CA PRO A 165 4.92 23.70 1.23
C PRO A 165 5.68 23.09 2.40
N LEU A 166 6.85 23.65 2.66
CA LEU A 166 7.66 23.31 3.82
C LEU A 166 7.55 24.43 4.84
N LEU A 167 7.40 24.07 6.11
CA LEU A 167 7.23 25.04 7.18
C LEU A 167 8.26 24.80 8.27
N ASN A 168 8.49 25.84 9.08
CA ASN A 168 9.47 25.77 10.16
C ASN A 168 8.92 24.91 11.30
N GLU A 169 9.80 24.65 12.28
CA GLU A 169 9.42 23.84 13.44
C GLU A 169 8.16 24.37 14.10
N ASN A 170 8.06 25.69 14.27
CA ASN A 170 6.88 26.27 14.91
C ASN A 170 5.67 26.29 14.00
N ALA A 171 5.80 25.89 12.74
CA ALA A 171 4.66 25.68 11.84
C ALA A 171 3.85 26.97 11.66
N GLN A 172 4.55 28.08 11.45
CA GLN A 172 3.91 29.36 11.19
C GLN A 172 4.43 30.10 9.97
N GLU A 173 5.58 29.71 9.42
CA GLU A 173 6.17 30.38 8.27
C GLU A 173 6.64 29.34 7.26
N VAL A 174 6.41 29.61 5.99
CA VAL A 174 6.83 28.71 4.92
C VAL A 174 8.29 28.98 4.61
N VAL A 175 9.09 27.91 4.59
CA VAL A 175 10.53 28.02 4.38
C VAL A 175 10.98 27.33 3.10
N GLY A 176 10.12 26.60 2.41
CA GLY A 176 10.55 25.91 1.20
C GLY A 176 9.42 25.13 0.59
N ALA A 177 9.78 24.22 -0.32
CA ALA A 177 8.79 23.44 -1.05
C ALA A 177 9.36 22.07 -1.35
N LEU A 178 8.45 21.09 -1.45
CA LEU A 178 8.81 19.71 -1.76
C LEU A 178 8.02 19.31 -3.01
N MET A 179 8.74 18.85 -4.03
CA MET A 179 8.13 18.38 -5.27
C MET A 179 8.26 16.87 -5.34
N VAL A 180 7.17 16.19 -5.69
CA VAL A 180 7.16 14.74 -5.90
C VAL A 180 6.59 14.48 -7.29
N PHE A 181 7.39 13.85 -8.14
CA PHE A 181 6.99 13.53 -9.50
C PHE A 181 6.51 12.08 -9.51
N ILE A 182 5.19 11.90 -9.55
CA ILE A 182 4.58 10.58 -9.56
C ILE A 182 4.49 10.09 -10.99
N SER A 183 5.03 8.89 -11.24
CA SER A 183 4.98 8.29 -12.57
C SER A 183 3.60 7.68 -12.79
N ILE A 184 2.83 8.25 -13.71
CA ILE A 184 1.58 7.63 -14.12
C ILE A 184 1.86 6.31 -14.82
N ASP A 185 2.91 6.28 -15.65
CA ASP A 185 3.27 5.06 -16.37
C ASP A 185 3.55 3.91 -15.42
N SER A 186 4.04 4.20 -14.21
CA SER A 186 4.41 3.13 -13.28
C SER A 186 3.20 2.37 -12.78
N PHE A 187 2.00 2.94 -12.89
CA PHE A 187 0.79 2.24 -12.47
C PHE A 187 0.33 1.20 -13.47
N SER A 188 1.07 1.00 -14.57
CA SER A 188 0.75 -0.08 -15.49
C SER A 188 0.82 -1.43 -14.80
N ASN A 189 1.65 -1.55 -13.77
CA ASN A 189 1.74 -2.82 -13.04
C ASN A 189 0.41 -3.22 -12.43
N GLU A 190 -0.42 -2.24 -12.05
CA GLU A 190 -1.73 -2.53 -11.48
C GLU A 190 -2.86 -2.50 -12.50
N ILE A 191 -2.66 -1.84 -13.65
CA ILE A 191 -3.76 -1.50 -14.55
C ILE A 191 -3.55 -2.10 -15.94
N THR A 192 -2.31 -2.08 -16.44
CA THR A 192 -2.05 -2.40 -17.84
C THR A 192 -1.27 -3.69 -18.04
N LYS A 193 -0.48 -4.12 -17.08
CA LYS A 193 0.30 -5.33 -17.25
C LYS A 193 -0.61 -6.55 -17.39
N ASN A 194 -0.29 -7.39 -18.36
CA ASN A 194 -0.94 -8.71 -18.53
C ASN A 194 -2.43 -8.59 -18.81
N ARG A 195 -2.90 -7.43 -19.26
CA ARG A 195 -4.31 -7.28 -19.60
C ARG A 195 -4.49 -6.04 -20.46
N SER A 196 -5.63 -5.99 -21.14
CA SER A 196 -5.98 -4.86 -21.99
C SER A 196 -7.42 -4.42 -21.80
N ASP A 197 -8.03 -4.75 -20.67
CA ASP A 197 -9.43 -4.44 -20.40
C ASP A 197 -9.60 -3.26 -19.45
N LEU A 198 -8.51 -2.63 -19.02
CA LEU A 198 -8.56 -1.54 -18.05
C LEU A 198 -8.00 -0.26 -18.66
N PHE A 199 -8.57 0.87 -18.24
CA PHE A 199 -8.10 2.18 -18.65
C PHE A 199 -8.15 3.12 -17.46
N LEU A 200 -7.13 3.97 -17.35
CA LEU A 200 -7.07 5.02 -16.35
C LEU A 200 -7.36 6.35 -17.03
N ILE A 201 -8.37 7.06 -16.54
CA ILE A 201 -8.84 8.29 -17.16
C ILE A 201 -8.67 9.43 -16.18
N GLY A 202 -8.12 10.55 -16.66
CA GLY A 202 -7.89 11.71 -15.84
C GLY A 202 -8.89 12.82 -16.10
N VAL A 203 -8.48 14.04 -15.78
CA VAL A 203 -9.40 15.18 -15.83
C VAL A 203 -9.90 15.38 -17.25
N LYS A 204 -11.21 15.56 -17.39
CA LYS A 204 -11.84 15.85 -18.68
C LYS A 204 -11.60 14.71 -19.67
N GLY A 205 -11.64 13.48 -19.19
CA GLY A 205 -11.57 12.33 -20.07
C GLY A 205 -10.22 12.12 -20.73
N LYS A 206 -9.16 12.70 -20.19
CA LYS A 206 -7.83 12.47 -20.74
C LYS A 206 -7.38 11.04 -20.42
N VAL A 207 -6.93 10.32 -21.44
CA VAL A 207 -6.48 8.95 -21.26
C VAL A 207 -5.06 8.99 -20.68
N LEU A 208 -4.95 8.64 -19.40
CA LEU A 208 -3.66 8.65 -18.71
C LEU A 208 -2.88 7.36 -18.92
N LEU A 209 -3.57 6.22 -18.95
CA LEU A 209 -2.91 4.93 -19.06
C LEU A 209 -3.82 3.98 -19.80
N SER A 210 -3.25 3.23 -20.75
CA SER A 210 -4.02 2.35 -21.60
C SER A 210 -3.10 1.31 -22.21
N ALA A 211 -3.65 0.12 -22.45
CA ALA A 211 -2.88 -0.90 -23.15
C ALA A 211 -2.51 -0.43 -24.55
N ASN A 212 -3.41 0.29 -25.22
CA ASN A 212 -3.10 0.97 -26.47
C ASN A 212 -2.39 2.27 -26.11
N LYS A 213 -1.06 2.28 -26.29
CA LYS A 213 -0.26 3.40 -25.84
C LYS A 213 -0.48 4.66 -26.67
N SER A 214 -0.91 4.52 -27.92
CA SER A 214 -1.14 5.69 -28.76
C SER A 214 -2.24 6.59 -28.21
N LEU A 215 -3.09 6.07 -27.34
CA LEU A 215 -4.19 6.85 -26.79
C LEU A 215 -3.79 7.70 -25.60
N GLN A 216 -2.62 7.47 -25.01
CA GLN A 216 -2.22 8.23 -23.83
C GLN A 216 -2.18 9.72 -24.15
N ASP A 217 -2.63 10.53 -23.18
CA ASP A 217 -2.65 11.98 -23.26
C ASP A 217 -3.68 12.52 -24.23
N LYS A 218 -4.54 11.66 -24.79
CA LYS A 218 -5.60 12.08 -25.69
C LYS A 218 -6.96 11.94 -25.00
N PRO A 219 -7.91 12.84 -25.27
CA PRO A 219 -9.21 12.76 -24.59
C PRO A 219 -10.14 11.77 -25.25
N ILE A 220 -10.96 11.13 -24.41
CA ILE A 220 -11.90 10.14 -24.91
C ILE A 220 -12.93 10.76 -25.84
N ALA A 221 -13.23 12.05 -25.65
CA ALA A 221 -14.26 12.69 -26.47
C ALA A 221 -13.91 12.62 -27.95
N GLU A 222 -12.62 12.74 -28.29
CA GLU A 222 -12.18 12.63 -29.66
C GLU A 222 -11.96 11.16 -30.07
N ILE A 223 -11.29 10.40 -29.21
CA ILE A 223 -11.02 8.98 -29.52
C ILE A 223 -12.33 8.27 -29.86
N TYR A 224 -13.35 8.46 -29.03
CA TYR A 224 -14.64 7.79 -29.19
C TYR A 224 -15.73 8.79 -29.54
N LYS A 225 -15.44 9.71 -30.46
CA LYS A 225 -16.44 10.66 -30.92
C LYS A 225 -17.67 9.95 -31.46
N SER A 226 -17.47 8.80 -32.12
CA SER A 226 -18.56 8.06 -32.72
C SER A 226 -19.60 7.60 -31.71
N VAL A 227 -19.32 7.71 -30.42
CA VAL A 227 -20.27 7.32 -29.39
C VAL A 227 -20.39 8.45 -28.37
N PRO A 228 -20.97 9.59 -28.74
CA PRO A 228 -21.06 10.71 -27.79
C PRO A 228 -21.91 10.39 -26.58
N LYS A 229 -22.89 9.50 -26.74
CA LYS A 229 -23.76 9.15 -25.61
C LYS A 229 -22.96 8.56 -24.46
N ALA A 230 -22.05 7.63 -24.77
CA ALA A 230 -21.27 6.98 -23.72
C ALA A 230 -20.17 7.90 -23.19
N THR A 231 -19.46 8.60 -24.09
CA THR A 231 -18.39 9.48 -23.65
C THR A 231 -18.92 10.62 -22.79
N ASN A 232 -20.09 11.16 -23.15
CA ASN A 232 -20.69 12.21 -22.35
C ASN A 232 -21.15 11.68 -20.99
N GLU A 233 -21.66 10.45 -20.96
CA GLU A 233 -21.91 9.79 -19.68
C GLU A 233 -20.63 9.67 -18.87
N VAL A 234 -19.56 9.16 -19.49
CA VAL A 234 -18.29 9.01 -18.79
C VAL A 234 -17.84 10.34 -18.20
N LEU A 235 -17.88 11.41 -19.01
CA LEU A 235 -17.40 12.70 -18.54
C LEU A 235 -18.29 13.28 -17.45
N THR A 236 -19.60 13.01 -17.51
CA THR A 236 -20.46 13.43 -16.41
C THR A 236 -20.15 12.65 -15.14
N ILE A 237 -19.97 11.33 -15.26
CA ILE A 237 -19.56 10.53 -14.11
C ILE A 237 -18.24 11.03 -13.55
N LEU A 238 -17.32 11.44 -14.44
CA LEU A 238 -16.03 11.96 -13.99
C LEU A 238 -16.22 13.26 -13.21
N GLU A 239 -17.10 14.15 -13.69
CA GLU A 239 -17.31 15.41 -13.00
C GLU A 239 -18.06 15.21 -11.68
N ASN A 240 -19.02 14.30 -11.66
CA ASN A 240 -19.84 14.09 -10.46
C ASN A 240 -19.19 13.19 -9.43
N GLY A 241 -18.03 12.61 -9.73
CA GLY A 241 -17.43 11.65 -8.81
C GLY A 241 -18.33 10.46 -8.53
N SER A 242 -18.98 9.95 -9.56
CA SER A 242 -19.95 8.87 -9.45
C SER A 242 -19.36 7.58 -10.02
N LYS A 243 -20.22 6.59 -10.22
CA LYS A 243 -19.83 5.33 -10.84
C LYS A 243 -21.07 4.75 -11.52
N ALA A 244 -20.84 3.97 -12.57
CA ALA A 244 -21.97 3.42 -13.32
C ALA A 244 -21.47 2.35 -14.28
N THR A 245 -22.41 1.54 -14.74
CA THR A 245 -22.16 0.56 -15.80
C THR A 245 -23.05 0.90 -16.99
N LEU A 246 -22.48 0.85 -18.18
CA LEU A 246 -23.22 1.16 -19.40
C LEU A 246 -22.69 0.28 -20.52
N GLU A 247 -23.32 0.38 -21.68
CA GLU A 247 -22.93 -0.41 -22.84
C GLU A 247 -22.73 0.50 -24.04
N TYR A 248 -21.80 0.10 -24.90
CA TYR A 248 -21.47 0.89 -26.09
C TYR A 248 -20.87 -0.03 -27.13
N LEU A 249 -20.98 0.38 -28.39
CA LEU A 249 -20.35 -0.31 -29.50
C LEU A 249 -18.96 0.29 -29.71
N ASP A 250 -17.92 -0.50 -29.49
CA ASP A 250 -16.56 -0.02 -29.63
C ASP A 250 -16.21 0.09 -31.10
N PRO A 251 -15.91 1.29 -31.62
CA PRO A 251 -15.60 1.42 -33.06
C PRO A 251 -14.25 0.86 -33.44
N PHE A 252 -13.41 0.50 -32.48
CA PHE A 252 -12.15 -0.18 -32.79
C PHE A 252 -12.40 -1.68 -33.01
N SER A 253 -12.88 -2.37 -31.98
CA SER A 253 -13.13 -3.80 -32.07
C SER A 253 -14.41 -4.12 -32.82
N HIS A 254 -15.29 -3.15 -33.02
CA HIS A 254 -16.60 -3.39 -33.63
C HIS A 254 -17.37 -4.46 -32.85
N LYS A 255 -17.35 -4.35 -31.52
CA LYS A 255 -18.00 -5.31 -30.65
C LYS A 255 -18.79 -4.58 -29.58
N GLU A 256 -19.97 -5.10 -29.25
CA GLU A 256 -20.76 -4.55 -28.15
C GLU A 256 -20.11 -4.92 -26.83
N ASN A 257 -19.74 -3.91 -26.04
CA ASN A 257 -19.11 -4.11 -24.75
C ASN A 257 -19.93 -3.44 -23.66
N PHE A 258 -19.90 -4.03 -22.47
CA PHE A 258 -20.26 -3.31 -21.26
C PHE A 258 -19.08 -2.44 -20.82
N LEU A 259 -19.38 -1.43 -20.01
CA LEU A 259 -18.37 -0.48 -19.57
C LEU A 259 -18.68 -0.08 -18.13
N ALA A 260 -17.87 -0.56 -17.20
CA ALA A 260 -17.98 -0.18 -15.80
C ALA A 260 -16.93 0.90 -15.51
N VAL A 261 -17.37 2.01 -14.93
CA VAL A 261 -16.48 3.10 -14.57
C VAL A 261 -16.67 3.41 -13.09
N GLU A 262 -15.62 3.93 -12.48
CA GLU A 262 -15.66 4.32 -11.07
C GLU A 262 -14.57 5.36 -10.85
N THR A 263 -14.93 6.45 -10.18
CA THR A 263 -14.03 7.57 -9.98
C THR A 263 -13.41 7.51 -8.58
N PHE A 264 -12.40 8.35 -8.38
CA PHE A 264 -11.76 8.46 -7.08
C PHE A 264 -10.92 9.73 -7.04
N LYS A 265 -10.81 10.30 -5.84
CA LYS A 265 -9.99 11.48 -5.63
C LYS A 265 -8.52 11.11 -5.72
N MET A 266 -7.80 11.76 -6.64
CA MET A 266 -6.45 11.32 -6.95
C MET A 266 -5.42 11.82 -5.94
N LEU A 267 -5.69 12.94 -5.27
CA LEU A 267 -4.85 13.39 -4.17
C LEU A 267 -5.33 12.86 -2.82
N GLY A 268 -6.04 11.73 -2.82
CA GLY A 268 -6.44 11.11 -1.57
C GLY A 268 -7.45 11.95 -0.81
N LYS A 269 -7.25 12.03 0.50
CA LYS A 269 -8.15 12.77 1.38
C LYS A 269 -7.76 14.23 1.53
N ALA A 270 -6.71 14.68 0.84
CA ALA A 270 -6.30 16.07 0.93
C ALA A 270 -7.43 17.00 0.54
N GLU A 271 -7.77 17.94 1.42
CA GLU A 271 -8.71 19.00 1.10
C GLU A 271 -8.00 20.03 0.23
N SER A 272 -8.39 20.11 -1.04
CA SER A 272 -7.68 20.95 -1.99
C SER A 272 -8.47 21.00 -3.29
N LYS A 273 -8.58 22.20 -3.86
CA LYS A 273 -9.28 22.37 -5.13
C LYS A 273 -8.56 21.71 -6.31
N ASP A 274 -7.33 21.22 -6.10
CA ASP A 274 -6.62 20.45 -7.10
C ASP A 274 -6.85 18.96 -6.97
N ASN A 275 -7.64 18.51 -5.99
CA ASN A 275 -7.92 17.09 -5.80
C ASN A 275 -9.10 16.68 -6.67
N LEU A 276 -8.82 16.61 -7.97
CA LEU A 276 -9.84 16.24 -8.94
C LEU A 276 -10.02 14.73 -8.98
N ASN A 277 -11.11 14.29 -9.61
CA ASN A 277 -11.40 12.87 -9.74
C ASN A 277 -10.63 12.27 -10.90
N TRP A 278 -10.03 11.10 -10.66
CA TRP A 278 -9.60 10.21 -11.72
C TRP A 278 -10.59 9.06 -11.83
N MET A 279 -10.40 8.22 -12.84
CA MET A 279 -11.36 7.16 -13.14
C MET A 279 -10.63 5.96 -13.72
N ILE A 280 -11.07 4.78 -13.30
CA ILE A 280 -10.65 3.52 -13.91
C ILE A 280 -11.86 2.92 -14.62
N ALA A 281 -11.67 2.55 -15.88
CA ALA A 281 -12.74 1.98 -16.69
C ALA A 281 -12.42 0.52 -17.02
N LEU A 282 -13.47 -0.31 -17.06
CA LEU A 282 -13.33 -1.74 -17.29
C LEU A 282 -14.33 -2.16 -18.35
N ILE A 283 -13.83 -2.66 -19.48
CA ILE A 283 -14.67 -3.15 -20.57
C ILE A 283 -14.73 -4.67 -20.48
N ILE A 284 -15.93 -5.22 -20.63
CA ILE A 284 -16.13 -6.66 -20.78
C ILE A 284 -17.01 -6.86 -22.01
N GLU A 285 -16.55 -7.69 -22.93
CA GLU A 285 -17.29 -7.93 -24.16
C GLU A 285 -18.67 -8.52 -23.83
N LYS A 286 -19.71 -7.94 -24.42
CA LYS A 286 -21.07 -8.39 -24.13
C LYS A 286 -21.27 -9.86 -24.43
N ASP A 287 -20.40 -10.47 -25.23
CA ASP A 287 -20.50 -11.90 -25.50
C ASP A 287 -20.40 -12.71 -24.20
N LYS A 288 -19.43 -12.37 -23.35
CA LYS A 288 -19.21 -13.14 -22.13
C LYS A 288 -20.48 -13.25 -21.29
N VAL A 289 -21.22 -12.15 -21.19
CA VAL A 289 -22.47 -12.15 -20.43
C VAL A 289 -23.45 -13.16 -21.01
N ASN B 27 -28.46 -27.95 -16.64
CA ASN B 27 -28.66 -26.80 -15.75
C ASN B 27 -27.41 -26.45 -14.96
N SER B 28 -26.78 -27.46 -14.36
CA SER B 28 -25.64 -27.22 -13.49
C SER B 28 -24.54 -26.40 -14.15
N ARG B 29 -24.56 -26.24 -15.49
CA ARG B 29 -23.64 -25.32 -16.14
C ARG B 29 -23.87 -23.88 -15.69
N VAL B 30 -25.06 -23.56 -15.18
CA VAL B 30 -25.30 -22.25 -14.60
C VAL B 30 -24.55 -22.10 -13.28
N LYS B 31 -24.59 -23.13 -12.42
CA LYS B 31 -23.77 -23.12 -11.22
C LYS B 31 -22.29 -23.02 -11.57
N GLU B 32 -21.90 -23.57 -12.71
CA GLU B 32 -20.49 -23.56 -13.10
C GLU B 32 -20.05 -22.16 -13.49
N ILE B 33 -20.91 -21.41 -14.18
CA ILE B 33 -20.58 -20.02 -14.51
C ILE B 33 -20.59 -19.17 -13.24
N LEU B 34 -21.58 -19.37 -12.37
CA LEU B 34 -21.59 -18.70 -11.08
C LEU B 34 -20.30 -18.97 -10.31
N LYS B 35 -19.77 -20.18 -10.43
CA LYS B 35 -18.49 -20.49 -9.80
C LYS B 35 -17.36 -19.70 -10.45
N GLU B 36 -17.28 -19.74 -11.78
CA GLU B 36 -16.29 -18.96 -12.51
C GLU B 36 -16.30 -17.50 -12.07
N ASN B 37 -17.49 -16.89 -12.05
CA ASN B 37 -17.59 -15.47 -11.72
C ASN B 37 -17.23 -15.22 -10.25
N THR B 38 -17.62 -16.13 -9.37
CA THR B 38 -17.32 -15.94 -7.95
C THR B 38 -15.83 -16.04 -7.67
N LEU B 39 -15.15 -17.01 -8.30
CA LEU B 39 -13.72 -17.16 -8.09
C LEU B 39 -12.96 -15.92 -8.56
N ARG B 40 -13.37 -15.36 -9.70
CA ARG B 40 -12.72 -14.16 -10.21
C ARG B 40 -12.75 -13.04 -9.17
N SER B 41 -13.95 -12.75 -8.64
CA SER B 41 -14.08 -11.61 -7.72
C SER B 41 -13.47 -11.90 -6.36
N MET B 42 -13.46 -13.17 -5.94
CA MET B 42 -12.77 -13.53 -4.70
C MET B 42 -11.29 -13.17 -4.80
N GLN B 43 -10.64 -13.53 -5.90
CA GLN B 43 -9.22 -13.27 -6.04
C GLN B 43 -8.94 -11.77 -6.16
N ASP B 44 -9.78 -11.04 -6.89
CA ASP B 44 -9.63 -9.58 -6.93
C ASP B 44 -9.86 -8.97 -5.56
N SER B 45 -10.94 -9.37 -4.90
CA SER B 45 -11.18 -8.94 -3.52
C SER B 45 -10.01 -9.30 -2.63
N LEU B 46 -9.60 -10.57 -2.64
CA LEU B 46 -8.48 -11.01 -1.82
C LEU B 46 -7.21 -10.24 -2.16
N HIS B 47 -6.95 -10.03 -3.46
CA HIS B 47 -5.74 -9.33 -3.86
C HIS B 47 -5.66 -7.95 -3.24
N PHE B 48 -6.80 -7.24 -3.19
CA PHE B 48 -6.80 -5.92 -2.55
C PHE B 48 -6.47 -6.04 -1.07
N LYS B 49 -7.13 -6.97 -0.37
CA LYS B 49 -6.89 -7.14 1.06
C LYS B 49 -5.41 -7.37 1.34
N VAL B 50 -4.73 -8.10 0.46
CA VAL B 50 -3.30 -8.36 0.63
C VAL B 50 -2.50 -7.06 0.50
N LYS B 51 -2.71 -6.35 -0.61
CA LYS B 51 -2.00 -5.08 -0.80
C LYS B 51 -2.28 -4.11 0.32
N GLU B 52 -3.51 -4.13 0.86
CA GLU B 52 -3.85 -3.26 1.98
C GLU B 52 -3.02 -3.60 3.21
N VAL B 53 -3.01 -4.88 3.59
CA VAL B 53 -2.29 -5.30 4.79
C VAL B 53 -0.79 -5.14 4.57
N GLN B 54 -0.28 -5.60 3.42
CA GLN B 54 1.15 -5.46 3.14
C GLN B 54 1.54 -3.99 3.02
N GLY B 55 0.67 -3.16 2.44
CA GLY B 55 0.94 -1.74 2.38
C GLY B 55 1.04 -1.12 3.77
N VAL B 56 0.21 -1.60 4.70
CA VAL B 56 0.27 -1.10 6.08
C VAL B 56 1.60 -1.49 6.72
N LEU B 57 2.01 -2.76 6.55
CA LEU B 57 3.31 -3.17 7.06
C LEU B 57 4.44 -2.38 6.43
N GLU B 58 4.30 -2.04 5.14
CA GLU B 58 5.32 -1.27 4.45
C GLU B 58 5.43 0.15 5.00
N ASN B 59 4.30 0.77 5.34
CA ASN B 59 4.34 2.08 5.96
C ASN B 59 5.16 2.05 7.24
N THR B 60 4.97 1.01 8.06
CA THR B 60 5.71 0.90 9.32
C THR B 60 7.20 0.72 9.06
N TYR B 61 7.57 -0.12 8.10
CA TYR B 61 8.99 -0.33 7.80
C TYR B 61 9.62 0.96 7.27
N THR B 62 8.91 1.66 6.39
CA THR B 62 9.38 2.96 5.94
C THR B 62 9.58 3.90 7.12
N SER B 63 8.61 3.94 8.02
CA SER B 63 8.74 4.79 9.21
C SER B 63 9.91 4.35 10.07
N MET B 64 10.13 3.04 10.18
CA MET B 64 11.25 2.54 10.97
C MET B 64 12.58 2.99 10.40
N GLY B 65 12.73 2.92 9.07
CA GLY B 65 13.97 3.33 8.46
C GLY B 65 14.33 4.77 8.76
N ILE B 66 13.32 5.64 8.93
CA ILE B 66 13.58 7.02 9.29
C ILE B 66 14.06 7.11 10.73
N VAL B 67 13.42 6.38 11.64
CA VAL B 67 13.88 6.32 13.03
C VAL B 67 15.32 5.79 13.06
N LYS B 68 15.55 4.63 12.46
CA LYS B 68 16.88 4.05 12.30
C LYS B 68 17.90 5.09 11.88
N GLU B 69 17.54 5.94 10.92
CA GLU B 69 18.49 6.92 10.39
C GLU B 69 18.79 8.01 11.41
N MET B 70 17.77 8.50 12.12
CA MET B 70 17.92 9.67 12.97
C MET B 70 18.37 9.32 14.39
N LEU B 71 17.83 8.24 14.96
CA LEU B 71 18.15 7.87 16.33
C LEU B 71 19.64 7.93 16.65
N PRO B 72 20.56 7.38 15.85
CA PRO B 72 21.98 7.42 16.19
C PRO B 72 22.68 8.73 15.87
N LYS B 73 21.97 9.73 15.36
CA LYS B 73 22.62 11.00 15.05
C LYS B 73 22.87 11.79 16.33
N ASP B 74 23.75 12.78 16.23
CA ASP B 74 24.18 13.53 17.39
C ASP B 74 23.07 14.43 17.94
N THR B 75 22.07 13.81 18.56
CA THR B 75 20.98 14.52 19.19
C THR B 75 20.92 14.16 20.67
N LYS B 76 20.18 14.96 21.44
CA LYS B 76 20.08 14.72 22.86
C LYS B 76 18.98 13.70 23.17
N ARG B 77 19.06 13.11 24.36
CA ARG B 77 18.17 12.03 24.75
C ARG B 77 16.71 12.37 24.49
N GLU B 78 16.26 13.55 24.95
CA GLU B 78 14.85 13.89 24.85
C GLU B 78 14.37 13.90 23.41
N ILE B 79 15.22 14.26 22.46
CA ILE B 79 14.81 14.24 21.06
C ILE B 79 14.63 12.80 20.59
N LYS B 80 15.48 11.88 21.07
CA LYS B 80 15.32 10.48 20.73
C LYS B 80 14.01 9.93 21.28
N ILE B 81 13.70 10.26 22.53
CA ILE B 81 12.42 9.87 23.11
C ILE B 81 11.28 10.51 22.32
N HIS B 82 11.39 11.80 22.05
CA HIS B 82 10.45 12.49 21.17
C HIS B 82 10.21 11.69 19.89
N LEU B 83 11.27 11.08 19.35
CA LEU B 83 11.16 10.38 18.09
C LEU B 83 10.42 9.05 18.25
N LEU B 84 10.74 8.29 19.30
CA LEU B 84 10.08 7.01 19.52
C LEU B 84 8.60 7.19 19.81
N LYS B 85 8.25 8.21 20.62
CA LYS B 85 6.84 8.47 20.91
C LYS B 85 6.07 8.77 19.65
N ASN B 86 6.60 9.66 18.80
CA ASN B 86 5.90 10.03 17.58
C ASN B 86 5.83 8.86 16.60
N PHE B 87 6.81 7.95 16.65
CA PHE B 87 6.76 6.76 15.80
C PHE B 87 5.60 5.86 16.20
N ILE B 88 5.35 5.70 17.50
CA ILE B 88 4.20 4.93 17.96
C ILE B 88 2.91 5.63 17.58
N LEU B 89 2.84 6.95 17.82
CA LEU B 89 1.60 7.68 17.53
C LEU B 89 1.16 7.50 16.09
N ALA B 90 2.10 7.54 15.15
CA ALA B 90 1.79 7.52 13.74
C ALA B 90 1.68 6.11 13.16
N ASN B 91 1.86 5.07 13.98
CA ASN B 91 1.78 3.69 13.52
C ASN B 91 0.85 2.94 14.47
N SER B 92 -0.45 2.95 14.13
CA SER B 92 -1.46 2.37 15.02
C SER B 92 -1.26 0.88 15.24
N HIS B 93 -0.65 0.19 14.29
CA HIS B 93 -0.43 -1.25 14.43
C HIS B 93 0.82 -1.59 15.21
N VAL B 94 1.64 -0.60 15.56
CA VAL B 94 2.79 -0.80 16.43
C VAL B 94 2.32 -0.67 17.88
N ALA B 95 2.61 -1.70 18.68
CA ALA B 95 2.24 -1.70 20.09
C ALA B 95 3.43 -1.48 21.01
N GLY B 96 4.65 -1.47 20.48
CA GLY B 96 5.82 -1.22 21.30
C GLY B 96 7.07 -1.00 20.48
N VAL B 97 8.04 -0.27 21.05
CA VAL B 97 9.32 -0.04 20.40
C VAL B 97 10.38 0.08 21.48
N SER B 98 11.52 -0.57 21.24
CA SER B 98 12.64 -0.53 22.17
C SER B 98 13.87 0.03 21.45
N MET B 99 14.66 0.81 22.18
CA MET B 99 15.90 1.37 21.69
C MET B 99 17.03 0.92 22.60
N PHE B 100 18.14 0.50 21.99
CA PHE B 100 19.32 0.06 22.72
C PHE B 100 20.56 0.68 22.11
N PHE B 101 21.43 1.22 22.95
CA PHE B 101 22.73 1.73 22.53
C PHE B 101 23.82 1.07 23.36
N LYS B 102 24.90 0.67 22.69
CA LYS B 102 25.97 -0.07 23.37
C LYS B 102 26.63 0.78 24.45
N ASN B 103 26.91 2.04 24.16
CA ASN B 103 27.79 2.86 25.00
C ASN B 103 27.07 3.98 25.72
N ARG B 104 25.73 4.03 25.67
CA ARG B 104 24.95 5.01 26.42
C ARG B 104 23.90 4.28 27.24
N GLU B 105 24.05 4.32 28.56
CA GLU B 105 23.11 3.64 29.44
C GLU B 105 21.74 4.29 29.38
N ASP B 106 21.68 5.61 29.30
CA ASP B 106 20.42 6.34 29.29
C ASP B 106 19.66 6.19 27.98
N LEU B 107 20.16 5.41 27.04
CA LEU B 107 19.44 5.15 25.78
C LEU B 107 19.08 3.68 25.67
N ARG B 108 18.53 3.12 26.76
CA ARG B 108 18.06 1.74 26.80
C ARG B 108 16.64 1.80 27.34
N LEU B 109 15.68 1.98 26.43
CA LEU B 109 14.31 2.28 26.80
C LEU B 109 13.36 1.39 26.02
N THR B 110 12.21 1.10 26.63
CA THR B 110 11.13 0.37 25.99
C THR B 110 9.84 1.16 26.15
N LEU B 111 9.18 1.46 25.04
CA LEU B 111 7.92 2.17 25.02
C LEU B 111 6.83 1.19 24.61
N LEU B 112 5.85 0.98 25.48
CA LEU B 112 4.74 0.09 25.22
C LEU B 112 3.44 0.89 25.17
N ARG B 113 2.56 0.51 24.25
CA ARG B 113 1.27 1.15 24.14
C ARG B 113 0.41 0.78 25.32
N ASP B 114 -0.07 1.78 26.06
CA ASP B 114 -0.91 1.59 27.23
C ASP B 114 -2.13 2.50 27.14
N ASN B 115 -2.71 2.60 25.93
CA ASN B 115 -3.75 3.57 25.61
C ASN B 115 -3.15 4.97 25.53
N ASP B 116 -2.03 5.20 26.22
CA ASP B 116 -1.03 6.16 25.79
C ASP B 116 0.30 5.41 25.72
N THR B 117 1.40 6.04 26.10
CA THR B 117 2.72 5.40 26.05
C THR B 117 3.33 5.38 27.44
N ILE B 118 3.86 4.21 27.83
CA ILE B 118 4.56 4.04 29.09
C ILE B 118 6.01 3.69 28.77
N LYS B 119 6.94 4.48 29.28
CA LYS B 119 8.37 4.28 29.04
C LYS B 119 8.98 3.51 30.20
N LEU B 120 9.64 2.39 29.88
CA LEU B 120 10.34 1.57 30.86
C LEU B 120 11.82 1.58 30.53
N MET B 121 12.63 1.97 31.51
CA MET B 121 14.08 1.95 31.36
C MET B 121 14.61 0.53 31.54
N GLU B 122 15.72 0.24 30.88
CA GLU B 122 16.33 -1.08 30.94
C GLU B 122 17.77 -1.06 30.42
N LEU B 126 17.95 -4.02 28.61
CA LEU B 126 18.32 -4.59 27.31
C LEU B 126 19.76 -5.08 27.36
N GLY B 127 20.30 -5.39 26.18
CA GLY B 127 21.68 -5.87 26.09
C GLY B 127 21.74 -7.38 26.08
N ASN B 128 21.21 -8.01 27.13
CA ASN B 128 21.09 -9.46 27.15
C ASN B 128 19.89 -9.95 26.35
N ASN B 129 19.02 -9.05 25.91
CA ASN B 129 17.86 -9.43 25.13
C ASN B 129 18.31 -10.04 23.81
N PRO B 130 17.98 -11.30 23.51
CA PRO B 130 18.44 -11.90 22.25
C PRO B 130 17.91 -11.19 21.01
N LEU B 131 16.81 -10.44 21.12
CA LEU B 131 16.32 -9.68 19.97
C LEU B 131 17.25 -8.51 19.66
N ALA B 132 17.69 -7.78 20.69
CA ALA B 132 18.64 -6.69 20.46
C ALA B 132 19.93 -7.22 19.87
N GLN B 133 20.38 -8.40 20.32
CA GLN B 133 21.59 -8.98 19.78
C GLN B 133 21.41 -9.41 18.32
N LYS B 134 20.27 -9.99 17.99
CA LYS B 134 20.01 -10.36 16.60
C LYS B 134 19.93 -9.13 15.70
N ALA B 135 19.33 -8.05 16.21
CA ALA B 135 19.20 -6.84 15.40
C ALA B 135 20.56 -6.32 14.97
N MET B 136 21.56 -6.40 15.84
CA MET B 136 22.86 -5.82 15.59
C MET B 136 23.76 -6.70 14.72
N LYS B 137 23.36 -7.94 14.45
CA LYS B 137 24.15 -8.85 13.63
C LYS B 137 23.59 -9.01 12.23
N ASN B 138 22.52 -8.30 11.89
CA ASN B 138 21.91 -8.37 10.57
C ASN B 138 21.77 -6.97 10.00
N LYS B 139 22.32 -6.77 8.81
CA LYS B 139 22.21 -5.46 8.15
C LYS B 139 20.77 -5.19 7.74
N GLU B 140 20.08 -6.20 7.22
CA GLU B 140 18.72 -6.01 6.72
C GLU B 140 17.72 -6.13 7.86
N ILE B 141 16.52 -5.60 7.60
CA ILE B 141 15.42 -5.72 8.55
C ILE B 141 15.13 -7.20 8.78
N SER B 142 14.97 -7.59 10.04
CA SER B 142 14.75 -8.98 10.41
C SER B 142 13.60 -9.07 11.40
N LYS B 143 13.20 -10.30 11.71
CA LYS B 143 11.99 -10.52 12.50
C LYS B 143 12.21 -11.66 13.49
N SER B 144 11.26 -11.80 14.41
CA SER B 144 11.15 -12.99 15.25
C SER B 144 10.00 -13.83 14.75
N LEU B 145 9.34 -14.55 15.64
CA LEU B 145 8.14 -15.28 15.29
C LEU B 145 6.98 -14.81 16.18
N PRO B 146 5.74 -15.00 15.73
CA PRO B 146 4.60 -14.54 16.53
C PRO B 146 4.69 -15.04 17.96
N TYR B 147 4.19 -14.24 18.88
CA TYR B 147 4.24 -14.59 20.30
C TYR B 147 3.34 -13.63 21.07
N TYR B 148 2.98 -14.04 22.28
CA TYR B 148 2.13 -13.24 23.15
C TYR B 148 3.01 -12.43 24.11
N ARG B 149 2.79 -11.11 24.12
CA ARG B 149 3.50 -10.21 25.02
C ARG B 149 2.53 -9.70 26.09
N LYS B 150 2.95 -9.77 27.34
CA LYS B 150 2.17 -9.23 28.44
C LYS B 150 2.38 -7.72 28.49
N MET B 151 1.29 -6.97 28.38
CA MET B 151 1.32 -5.53 28.22
C MET B 151 1.08 -4.84 29.56
N PRO B 152 1.36 -3.54 29.64
CA PRO B 152 1.27 -2.84 30.94
C PRO B 152 -0.06 -3.03 31.66
N ASN B 153 -1.16 -3.20 30.92
CA ASN B 153 -2.47 -3.40 31.52
C ASN B 153 -2.75 -4.87 31.82
N GLY B 154 -1.73 -5.72 31.81
CA GLY B 154 -1.90 -7.13 32.09
C GLY B 154 -2.49 -7.94 30.97
N ALA B 155 -2.89 -7.32 29.86
CA ALA B 155 -3.49 -8.05 28.76
C ALA B 155 -2.42 -8.65 27.85
N GLU B 156 -2.81 -9.71 27.15
CA GLU B 156 -1.93 -10.40 26.21
C GLU B 156 -2.19 -9.87 24.80
N VAL B 157 -1.10 -9.54 24.10
CA VAL B 157 -1.18 -9.07 22.72
C VAL B 157 -0.34 -9.98 21.85
N TYR B 158 -0.99 -10.69 20.94
CA TYR B 158 -0.28 -11.52 19.97
C TYR B 158 0.40 -10.62 18.95
N GLY B 159 1.70 -10.79 18.76
CA GLY B 159 2.44 -9.94 17.86
C GLY B 159 3.76 -10.54 17.46
N VAL B 160 4.58 -9.73 16.78
CA VAL B 160 5.87 -10.16 16.26
C VAL B 160 6.82 -8.97 16.28
N ASP B 161 8.10 -9.26 16.43
CA ASP B 161 9.14 -8.24 16.56
C ASP B 161 9.84 -8.01 15.24
N ILE B 162 10.10 -6.74 14.94
CA ILE B 162 10.80 -6.32 13.72
C ILE B 162 12.07 -5.59 14.17
N LEU B 163 13.21 -5.94 13.57
CA LEU B 163 14.51 -5.57 14.09
C LEU B 163 15.34 -4.85 13.04
N LEU B 164 16.10 -3.84 13.48
CA LEU B 164 17.03 -3.09 12.66
C LEU B 164 18.26 -2.75 13.49
N PRO B 165 19.43 -2.63 12.86
CA PRO B 165 20.61 -2.13 13.57
C PRO B 165 20.75 -0.62 13.46
N LEU B 166 21.44 -0.04 14.45
CA LEU B 166 21.72 1.39 14.48
C LEU B 166 23.20 1.61 14.21
N LEU B 167 23.50 2.63 13.41
CA LEU B 167 24.85 2.87 12.91
C LEU B 167 25.27 4.30 13.19
N ASN B 168 26.55 4.48 13.52
CA ASN B 168 27.09 5.80 13.80
C ASN B 168 27.25 6.60 12.50
N GLU B 169 27.70 7.85 12.64
CA GLU B 169 27.69 8.82 11.56
C GLU B 169 28.09 8.23 10.22
N ASN B 170 29.35 7.80 10.09
CA ASN B 170 29.87 7.29 8.83
C ASN B 170 29.47 5.85 8.55
N ALA B 171 28.42 5.34 9.19
CA ALA B 171 27.95 3.97 9.01
C ALA B 171 29.01 2.93 9.39
N GLN B 172 30.10 3.35 10.00
CA GLN B 172 31.22 2.44 10.26
C GLN B 172 30.85 1.38 11.29
N GLU B 173 30.24 1.79 12.40
CA GLU B 173 30.05 0.92 13.55
C GLU B 173 28.58 0.70 13.86
N VAL B 174 28.25 -0.55 14.21
CA VAL B 174 26.98 -0.84 14.85
C VAL B 174 27.05 -0.31 16.27
N VAL B 175 26.11 0.55 16.64
CA VAL B 175 26.11 1.20 17.94
C VAL B 175 24.88 0.90 18.77
N GLY B 176 23.86 0.26 18.20
CA GLY B 176 22.65 0.05 18.94
C GLY B 176 21.67 -0.80 18.16
N ALA B 177 20.45 -0.87 18.69
CA ALA B 177 19.42 -1.72 18.10
C ALA B 177 18.06 -1.05 18.23
N LEU B 178 17.23 -1.22 17.20
CA LEU B 178 15.85 -0.79 17.20
C LEU B 178 14.96 -2.03 17.08
N MET B 179 14.01 -2.17 18.00
CA MET B 179 13.15 -3.34 18.07
C MET B 179 11.71 -2.86 18.14
N VAL B 180 10.90 -3.26 17.16
CA VAL B 180 9.51 -2.84 17.03
C VAL B 180 8.61 -4.04 17.24
N PHE B 181 7.65 -3.90 18.15
CA PHE B 181 6.66 -4.93 18.41
C PHE B 181 5.38 -4.57 17.66
N ILE B 182 5.10 -5.31 16.60
CA ILE B 182 3.88 -5.11 15.82
C ILE B 182 2.80 -6.00 16.40
N SER B 183 1.64 -5.41 16.68
CA SER B 183 0.50 -6.17 17.18
C SER B 183 -0.22 -6.83 16.03
N ILE B 184 -0.25 -8.16 16.03
CA ILE B 184 -1.07 -8.88 15.06
C ILE B 184 -2.54 -8.72 15.38
N ASP B 185 -2.90 -8.64 16.67
CA ASP B 185 -4.29 -8.46 17.05
C ASP B 185 -4.86 -7.15 16.50
N SER B 186 -4.01 -6.14 16.33
CA SER B 186 -4.50 -4.84 15.87
C SER B 186 -5.00 -4.88 14.43
N PHE B 187 -4.63 -5.90 13.66
CA PHE B 187 -5.13 -6.04 12.30
C PHE B 187 -6.56 -6.57 12.24
N SER B 188 -7.22 -6.70 13.40
CA SER B 188 -8.63 -7.04 13.42
C SER B 188 -9.45 -6.06 12.58
N ASN B 189 -9.02 -4.81 12.52
CA ASN B 189 -9.73 -3.81 11.72
C ASN B 189 -9.82 -4.24 10.26
N GLU B 190 -8.75 -4.84 9.74
CA GLU B 190 -8.71 -5.24 8.33
C GLU B 190 -9.24 -6.64 8.08
N ILE B 191 -9.17 -7.53 9.08
CA ILE B 191 -9.42 -8.94 8.89
C ILE B 191 -10.77 -9.37 9.45
N THR B 192 -11.10 -8.92 10.67
CA THR B 192 -12.26 -9.45 11.38
C THR B 192 -13.33 -8.41 11.69
N LYS B 193 -13.08 -7.12 11.49
CA LYS B 193 -14.08 -6.12 11.79
C LYS B 193 -15.21 -6.18 10.77
N ASN B 194 -16.42 -6.50 11.24
CA ASN B 194 -17.62 -6.54 10.41
C ASN B 194 -17.50 -7.57 9.30
N ARG B 195 -16.76 -8.65 9.54
CA ARG B 195 -16.68 -9.74 8.59
C ARG B 195 -15.99 -10.92 9.26
N SER B 196 -16.18 -12.11 8.67
CA SER B 196 -15.63 -13.33 9.23
C SER B 196 -15.13 -14.29 8.15
N ASP B 197 -14.79 -13.77 6.97
CA ASP B 197 -14.45 -14.60 5.83
C ASP B 197 -12.95 -14.57 5.51
N LEU B 198 -12.13 -14.03 6.41
CA LEU B 198 -10.70 -13.87 6.15
C LEU B 198 -9.88 -14.49 7.27
N PHE B 199 -8.73 -15.06 6.89
CA PHE B 199 -7.73 -15.53 7.82
C PHE B 199 -6.38 -14.91 7.46
N LEU B 200 -5.57 -14.64 8.47
CA LEU B 200 -4.17 -14.26 8.30
C LEU B 200 -3.31 -15.41 8.79
N ILE B 201 -2.48 -15.94 7.90
CA ILE B 201 -1.71 -17.16 8.16
C ILE B 201 -0.23 -16.85 8.03
N GLY B 202 0.54 -17.27 9.03
CA GLY B 202 1.97 -17.07 9.06
C GLY B 202 2.74 -18.28 8.58
N VAL B 203 4.04 -18.30 8.90
CA VAL B 203 4.90 -19.36 8.44
C VAL B 203 4.47 -20.69 9.05
N LYS B 204 4.73 -21.77 8.33
CA LYS B 204 4.33 -23.12 8.74
C LYS B 204 2.82 -23.26 8.90
N GLY B 205 2.06 -22.34 8.30
CA GLY B 205 0.61 -22.44 8.32
C GLY B 205 -0.03 -22.09 9.65
N LYS B 206 0.63 -21.26 10.47
CA LYS B 206 0.08 -20.87 11.75
C LYS B 206 -0.98 -19.80 11.55
N VAL B 207 -2.16 -20.00 12.15
CA VAL B 207 -3.22 -19.00 12.10
C VAL B 207 -2.80 -17.83 12.99
N LEU B 208 -2.59 -16.66 12.37
CA LEU B 208 -2.23 -15.47 13.11
C LEU B 208 -3.45 -14.69 13.58
N LEU B 209 -4.52 -14.69 12.78
CA LEU B 209 -5.71 -13.90 13.10
C LEU B 209 -6.88 -14.44 12.31
N SER B 210 -7.96 -14.81 12.99
CA SER B 210 -9.19 -15.23 12.34
C SER B 210 -10.37 -14.82 13.20
N ALA B 211 -11.55 -14.79 12.59
CA ALA B 211 -12.75 -14.45 13.34
C ALA B 211 -12.98 -15.44 14.47
N ASN B 212 -12.59 -16.70 14.27
CA ASN B 212 -12.66 -17.71 15.33
C ASN B 212 -11.44 -17.50 16.22
N LYS B 213 -11.65 -16.86 17.36
CA LYS B 213 -10.53 -16.45 18.22
C LYS B 213 -9.73 -17.64 18.69
N SER B 214 -10.38 -18.79 18.91
CA SER B 214 -9.68 -19.94 19.46
C SER B 214 -8.65 -20.53 18.51
N LEU B 215 -8.63 -20.10 17.25
CA LEU B 215 -7.71 -20.65 16.27
C LEU B 215 -6.34 -19.98 16.27
N GLN B 216 -6.22 -18.81 16.90
CA GLN B 216 -4.96 -18.07 16.88
C GLN B 216 -3.83 -18.94 17.41
N ASP B 217 -2.65 -18.80 16.79
CA ASP B 217 -1.42 -19.47 17.20
C ASP B 217 -1.45 -20.97 16.94
N LYS B 218 -2.49 -21.48 16.27
CA LYS B 218 -2.61 -22.91 15.99
C LYS B 218 -2.39 -23.20 14.51
N PRO B 219 -1.83 -24.34 14.16
CA PRO B 219 -1.57 -24.65 12.75
C PRO B 219 -2.79 -25.19 12.02
N ILE B 220 -2.86 -24.88 10.73
CA ILE B 220 -4.00 -25.33 9.92
C ILE B 220 -3.95 -26.83 9.66
N ALA B 221 -2.77 -27.45 9.74
CA ALA B 221 -2.69 -28.90 9.61
C ALA B 221 -3.49 -29.59 10.71
N GLU B 222 -3.57 -28.98 11.89
CA GLU B 222 -4.36 -29.52 13.00
C GLU B 222 -5.81 -29.06 12.93
N ILE B 223 -6.04 -27.76 12.72
CA ILE B 223 -7.40 -27.24 12.67
C ILE B 223 -8.19 -27.97 11.58
N TYR B 224 -7.61 -28.09 10.40
CA TYR B 224 -8.30 -28.62 9.22
C TYR B 224 -7.71 -29.98 8.81
N LYS B 225 -7.40 -30.81 9.80
CA LYS B 225 -6.88 -32.15 9.51
C LYS B 225 -7.92 -33.03 8.83
N SER B 226 -9.20 -32.68 8.93
CA SER B 226 -10.25 -33.45 8.26
C SER B 226 -10.24 -33.25 6.75
N VAL B 227 -9.42 -32.34 6.24
CA VAL B 227 -9.30 -32.11 4.80
C VAL B 227 -7.82 -31.99 4.47
N PRO B 228 -7.04 -33.07 4.68
CA PRO B 228 -5.57 -32.94 4.53
C PRO B 228 -5.12 -32.59 3.13
N LYS B 229 -5.86 -33.02 2.10
CA LYS B 229 -5.48 -32.68 0.74
C LYS B 229 -5.59 -31.18 0.50
N ALA B 230 -6.66 -30.56 1.01
CA ALA B 230 -6.80 -29.11 0.86
C ALA B 230 -5.75 -28.37 1.68
N THR B 231 -5.48 -28.82 2.90
CA THR B 231 -4.50 -28.14 3.74
C THR B 231 -3.10 -28.30 3.17
N ASN B 232 -2.80 -29.45 2.57
CA ASN B 232 -1.46 -29.68 2.03
C ASN B 232 -1.21 -28.80 0.80
N GLU B 233 -2.25 -28.51 0.02
CA GLU B 233 -2.10 -27.57 -1.09
C GLU B 233 -1.86 -26.16 -0.56
N VAL B 234 -2.64 -25.73 0.43
CA VAL B 234 -2.46 -24.40 1.00
C VAL B 234 -1.06 -24.25 1.57
N LEU B 235 -0.60 -25.25 2.31
CA LEU B 235 0.74 -25.18 2.90
C LEU B 235 1.81 -25.15 1.81
N THR B 236 1.63 -25.95 0.75
CA THR B 236 2.56 -25.89 -0.37
C THR B 236 2.54 -24.51 -1.00
N ILE B 237 1.35 -23.94 -1.21
CA ILE B 237 1.23 -22.60 -1.76
C ILE B 237 1.92 -21.58 -0.86
N LEU B 238 1.82 -21.77 0.46
CA LEU B 238 2.48 -20.87 1.39
C LEU B 238 4.00 -20.99 1.27
N GLU B 239 4.51 -22.22 1.27
CA GLU B 239 5.96 -22.41 1.22
C GLU B 239 6.55 -21.84 -0.07
N ASN B 240 5.85 -21.99 -1.18
CA ASN B 240 6.35 -21.55 -2.47
C ASN B 240 6.06 -20.08 -2.75
N GLY B 241 5.18 -19.45 -1.99
CA GLY B 241 4.86 -18.05 -2.21
C GLY B 241 3.99 -17.81 -3.42
N SER B 242 3.00 -18.67 -3.66
CA SER B 242 2.14 -18.59 -4.82
C SER B 242 0.73 -18.14 -4.38
N LYS B 243 -0.26 -18.49 -5.19
CA LYS B 243 -1.66 -18.22 -4.87
C LYS B 243 -2.50 -19.25 -5.62
N ALA B 244 -3.74 -19.42 -5.16
CA ALA B 244 -4.58 -20.48 -5.71
C ALA B 244 -6.01 -20.32 -5.19
N THR B 245 -6.92 -21.03 -5.85
CA THR B 245 -8.29 -21.20 -5.38
C THR B 245 -8.60 -22.68 -5.29
N LEU B 246 -9.49 -23.04 -4.36
CA LEU B 246 -9.84 -24.44 -4.15
C LEU B 246 -11.16 -24.51 -3.39
N GLU B 247 -11.62 -25.73 -3.14
CA GLU B 247 -12.81 -25.99 -2.36
C GLU B 247 -12.47 -26.88 -1.18
N TYR B 248 -13.25 -26.78 -0.12
CA TYR B 248 -13.10 -27.65 1.03
C TYR B 248 -14.38 -27.62 1.85
N LEU B 249 -14.66 -28.73 2.52
CA LEU B 249 -15.75 -28.78 3.50
C LEU B 249 -15.26 -28.19 4.82
N ASP B 250 -15.94 -27.17 5.30
CA ASP B 250 -15.52 -26.53 6.54
C ASP B 250 -15.93 -27.39 7.73
N PRO B 251 -15.02 -27.72 8.65
CA PRO B 251 -15.39 -28.58 9.77
C PRO B 251 -16.25 -27.88 10.81
N PHE B 252 -16.31 -26.55 10.81
CA PHE B 252 -17.10 -25.83 11.80
C PHE B 252 -18.53 -25.58 11.34
N SER B 253 -18.70 -25.18 10.08
CA SER B 253 -20.02 -24.94 9.52
C SER B 253 -20.60 -26.16 8.81
N HIS B 254 -19.77 -27.14 8.47
CA HIS B 254 -20.20 -28.32 7.72
C HIS B 254 -20.76 -27.94 6.36
N LYS B 255 -20.37 -26.77 5.85
CA LYS B 255 -20.72 -26.33 4.50
C LYS B 255 -19.46 -26.23 3.66
N GLU B 256 -19.60 -26.52 2.37
CA GLU B 256 -18.48 -26.40 1.46
C GLU B 256 -18.22 -24.93 1.14
N ASN B 257 -16.94 -24.56 1.11
CA ASN B 257 -16.53 -23.19 0.89
C ASN B 257 -15.65 -23.09 -0.35
N PHE B 258 -15.89 -22.05 -1.14
CA PHE B 258 -14.86 -21.57 -2.06
C PHE B 258 -13.74 -20.94 -1.25
N LEU B 259 -12.50 -21.26 -1.59
CA LEU B 259 -11.34 -20.79 -0.84
C LEU B 259 -10.32 -20.20 -1.80
N ALA B 260 -9.95 -18.95 -1.54
CA ALA B 260 -8.88 -18.27 -2.28
C ALA B 260 -7.78 -17.89 -1.31
N VAL B 261 -6.54 -18.24 -1.67
CA VAL B 261 -5.37 -17.91 -0.86
C VAL B 261 -4.42 -17.09 -1.70
N GLU B 262 -3.68 -16.21 -1.03
CA GLU B 262 -2.67 -15.39 -1.70
C GLU B 262 -1.59 -15.05 -0.70
N THR B 263 -0.35 -15.39 -1.03
CA THR B 263 0.79 -15.11 -0.16
C THR B 263 1.35 -13.72 -0.47
N PHE B 264 2.19 -13.24 0.44
CA PHE B 264 2.88 -11.98 0.23
C PHE B 264 4.05 -11.90 1.20
N LYS B 265 5.11 -11.23 0.75
CA LYS B 265 6.30 -11.03 1.58
C LYS B 265 5.96 -10.05 2.70
N MET B 266 6.01 -10.53 3.95
CA MET B 266 5.51 -9.74 5.07
C MET B 266 6.51 -8.70 5.57
N LEU B 267 7.75 -8.72 5.11
CA LEU B 267 8.69 -7.63 5.38
C LEU B 267 8.79 -6.65 4.22
N GLY B 268 7.96 -6.79 3.20
CA GLY B 268 7.86 -5.79 2.15
C GLY B 268 8.83 -5.96 1.00
N LYS B 269 9.38 -4.84 0.52
CA LYS B 269 10.37 -4.87 -0.55
C LYS B 269 11.75 -5.27 -0.07
N ALA B 270 11.98 -5.34 1.23
CA ALA B 270 13.29 -5.67 1.76
C ALA B 270 13.79 -6.98 1.19
N GLU B 271 15.06 -7.00 0.82
CA GLU B 271 15.77 -8.24 0.50
C GLU B 271 16.39 -8.74 1.80
N SER B 272 15.77 -9.75 2.41
CA SER B 272 16.15 -10.17 3.74
C SER B 272 15.95 -11.67 3.91
N LYS B 273 16.88 -12.31 4.60
CA LYS B 273 16.73 -13.71 4.98
C LYS B 273 15.36 -13.97 5.60
N ASP B 274 14.85 -13.01 6.36
CA ASP B 274 13.65 -13.18 7.16
C ASP B 274 12.38 -12.73 6.44
N ASN B 275 12.49 -12.15 5.25
CA ASN B 275 11.31 -11.70 4.51
C ASN B 275 10.62 -12.92 3.92
N LEU B 276 9.84 -13.60 4.77
CA LEU B 276 9.16 -14.82 4.40
C LEU B 276 7.74 -14.52 3.94
N ASN B 277 6.99 -15.58 3.65
CA ASN B 277 5.64 -15.46 3.13
C ASN B 277 4.62 -15.48 4.26
N TRP B 278 3.73 -14.50 4.26
CA TRP B 278 2.47 -14.60 4.96
C TRP B 278 1.37 -14.83 3.93
N MET B 279 0.20 -15.25 4.41
CA MET B 279 -0.90 -15.59 3.54
C MET B 279 -2.20 -15.04 4.11
N ILE B 280 -3.09 -14.63 3.20
CA ILE B 280 -4.46 -14.26 3.54
C ILE B 280 -5.39 -15.21 2.79
N ALA B 281 -6.34 -15.79 3.50
CA ALA B 281 -7.34 -16.67 2.92
C ALA B 281 -8.69 -15.97 2.92
N LEU B 282 -9.47 -16.20 1.86
CA LEU B 282 -10.82 -15.69 1.76
C LEU B 282 -11.75 -16.85 1.42
N ILE B 283 -12.84 -16.99 2.17
CA ILE B 283 -13.76 -18.11 2.00
C ILE B 283 -15.14 -17.56 1.64
N ILE B 284 -15.84 -18.29 0.78
CA ILE B 284 -17.24 -18.02 0.47
C ILE B 284 -17.95 -19.37 0.41
N GLU B 285 -18.99 -19.52 1.23
CA GLU B 285 -19.76 -20.76 1.23
C GLU B 285 -20.53 -20.89 -0.08
N LYS B 286 -20.38 -22.04 -0.74
CA LYS B 286 -20.92 -22.21 -2.09
C LYS B 286 -22.43 -21.98 -2.14
N ASP B 287 -23.15 -22.37 -1.09
CA ASP B 287 -24.60 -22.26 -1.11
C ASP B 287 -25.06 -20.84 -1.40
N LYS B 288 -24.43 -19.85 -0.76
CA LYS B 288 -24.84 -18.46 -0.98
C LYS B 288 -24.78 -18.07 -2.45
N VAL B 289 -23.85 -18.65 -3.20
CA VAL B 289 -23.71 -18.31 -4.62
C VAL B 289 -24.82 -18.95 -5.43
N TYR B 290 -25.18 -20.19 -5.11
CA TYR B 290 -26.07 -20.98 -5.95
C TYR B 290 -27.53 -20.69 -5.59
N GLU B 291 -28.30 -20.25 -6.58
CA GLU B 291 -29.74 -20.04 -6.44
C GLU B 291 -30.40 -19.94 -7.82
ZN ZN C . 2.52 -0.44 -7.30
ZN ZN D . -1.92 -5.54 -7.62
ZN ZN E . -16.51 1.23 -5.46
ZN ZN F . -17.06 -12.16 -29.01
CL CL G . -4.82 15.22 -13.98
ZN ZN H . -31.74 -7.30 -14.81
ZN ZN I . -4.88 -0.67 10.02
ZN ZN J . -19.52 -30.97 -2.89
ZN ZN K . 10.28 15.89 15.66
ZN ZN L . 7.87 15.10 22.39
S1 DTT M . -6.20 0.14 12.12
C1 DTT M . -6.56 1.84 11.61
C2 DTT M . -5.70 2.28 10.44
O2 DTT M . -5.94 3.64 10.15
C3 DTT M . -6.00 1.48 9.17
O3 DTT M . -7.24 1.89 8.63
C4 DTT M . -4.92 1.69 8.12
S4 DTT M . -3.29 1.18 8.74
CA CA N . -8.93 -7.68 -11.71
#